data_4BOH
#
_entry.id   4BOH
#
_cell.length_a   53.071
_cell.length_b   78.578
_cell.length_c   155.156
_cell.angle_alpha   90.00
_cell.angle_beta   90.00
_cell.angle_gamma   90.00
#
_symmetry.space_group_name_H-M   'P 21 21 21'
#
loop_
_entity.id
_entity.type
_entity.pdbx_description
1 polymer 'THROMBIN HEAVY CHAIN'
2 polymer 'THROMBIN LIGHT CHAIN'
3 polymer 'THROMBIN INHIBITOR MADANIN 1'
4 non-polymer 2-acetamido-2-deoxy-beta-D-glucopyranose
5 non-polymer 'SODIUM ION'
6 non-polymer 'SULFATE ION'
7 water water
#
loop_
_entity_poly.entity_id
_entity_poly.type
_entity_poly.pdbx_seq_one_letter_code
_entity_poly.pdbx_strand_id
1 'polypeptide(L)'
;IVEGSDAEIGMSPWQVMLFRKSPQELLCGASLISDRWVLTAAHCLLYPPWDKNFTENDLLVRIGKHSRTRYERNIEKISM
LEKIYIHPRYNWRENLDRDIALMKLKKPVAFSDYIHPVCLPDRETAASLLQAGYKGRVTGWGNLKETWTANVGKGQPSVL
QVVNLPIVERPVCKDSTRIRITDNMFCAGYKPDEGKRGDACEGDSGGPFVMKSPFNNRWYQMGIVSWGEGCDRDGKYGFY
THVFRLKKWIQKVIDQFGE
;
A,H
2 'polypeptide(L)' TFGSGEADCGLRPLFEKKSLEDKTERELLESYIDGR B,L
3 'polypeptide(L)' YPERDSAKEGNQEQERALHVKVQKRTDGDADYDEYEEDGTTPTPDPTAPTAKPRLRGNKP M
#
# COMPACT_ATOMS: atom_id res chain seq x y z
N ILE A 1 25.46 -8.90 11.80
CA ILE A 1 25.21 -9.57 10.53
C ILE A 1 25.56 -11.05 10.61
N VAL A 2 24.62 -11.90 10.25
CA VAL A 2 24.86 -13.34 10.23
C VAL A 2 25.25 -13.82 8.84
N GLU A 3 26.30 -14.64 8.77
CA GLU A 3 26.78 -15.24 7.53
C GLU A 3 27.13 -14.19 6.48
N GLY A 4 27.68 -13.08 6.92
CA GLY A 4 28.17 -12.04 6.03
C GLY A 4 29.68 -12.11 5.96
N SER A 5 30.31 -11.00 5.58
CA SER A 5 31.76 -10.95 5.46
C SER A 5 32.30 -9.56 5.75
N ASP A 6 33.61 -9.48 5.97
CA ASP A 6 34.29 -8.22 6.23
C ASP A 6 34.07 -7.22 5.10
N ALA A 7 33.54 -6.05 5.42
CA ALA A 7 33.38 -5.00 4.44
C ALA A 7 34.76 -4.48 4.02
N GLU A 8 34.88 -4.03 2.78
CA GLU A 8 36.11 -3.44 2.31
C GLU A 8 36.22 -2.02 2.85
N ILE A 9 37.43 -1.47 2.86
CA ILE A 9 37.64 -0.10 3.27
C ILE A 9 36.85 0.85 2.37
N GLY A 10 36.02 1.68 2.98
CA GLY A 10 35.23 2.66 2.23
C GLY A 10 34.10 2.03 1.42
N MET A 11 33.80 0.76 1.70
CA MET A 11 32.77 0.03 0.97
C MET A 11 31.39 0.60 1.26
N SER A 12 31.22 1.10 2.48
CA SER A 12 29.94 1.65 2.93
C SER A 12 30.16 2.96 3.68
N PRO A 13 30.54 4.02 2.95
CA PRO A 13 30.93 5.29 3.58
C PRO A 13 29.76 6.05 4.23
N TRP A 14 28.54 5.52 4.09
CA TRP A 14 27.37 6.14 4.71
C TRP A 14 27.03 5.46 6.02
N GLN A 15 27.76 4.41 6.35
CA GLN A 15 27.56 3.67 7.59
C GLN A 15 27.73 4.60 8.79
N VAL A 16 26.76 4.58 9.70
CA VAL A 16 26.85 5.37 10.92
C VAL A 16 26.61 4.50 12.16
N MET A 17 27.37 4.75 13.22
CA MET A 17 27.15 4.09 14.51
C MET A 17 26.36 5.00 15.44
N LEU A 18 25.31 4.47 16.04
CA LEU A 18 24.58 5.21 17.05
C LEU A 18 25.06 4.77 18.44
N PHE A 19 25.54 5.73 19.22
CA PHE A 19 26.12 5.42 20.52
C PHE A 19 25.37 6.07 21.68
N ARG A 20 25.32 5.35 22.79
CA ARG A 20 24.91 5.93 24.06
C ARG A 20 26.11 6.58 24.70
N LYS A 21 25.94 7.80 25.21
CA LYS A 21 27.01 8.46 25.93
C LYS A 21 27.39 7.71 27.19
N SER A 22 26.46 7.64 28.13
CA SER A 22 26.71 7.01 29.41
C SER A 22 25.53 6.12 29.81
N PRO A 23 25.79 4.82 30.01
CA PRO A 23 27.10 4.19 29.81
C PRO A 23 27.45 3.97 28.34
N GLN A 24 28.74 3.99 28.05
CA GLN A 24 29.24 4.01 26.68
C GLN A 24 29.01 2.70 25.96
N GLU A 25 27.96 2.62 25.15
CA GLU A 25 27.71 1.43 24.35
C GLU A 25 27.14 1.74 22.96
N LEU A 26 27.27 0.77 22.06
CA LEU A 26 26.72 0.87 20.72
C LEU A 26 25.27 0.40 20.72
N LEU A 27 24.38 1.25 20.21
CA LEU A 27 22.94 0.99 20.29
C LEU A 27 22.36 0.45 18.99
N CYS A 28 22.72 1.09 17.88
CA CYS A 28 22.09 0.80 16.60
C CYS A 28 22.98 1.25 15.44
N GLY A 29 22.64 0.79 14.25
CA GLY A 29 23.26 1.29 13.04
C GLY A 29 22.47 2.47 12.52
N ALA A 30 23.05 3.17 11.55
CA ALA A 30 22.39 4.32 10.93
C ALA A 30 23.06 4.64 9.61
N SER A 31 22.55 5.65 8.90
CA SER A 31 23.10 5.99 7.59
C SER A 31 23.16 7.50 7.35
N LEU A 32 24.20 7.93 6.67
CA LEU A 32 24.39 9.33 6.31
C LEU A 32 23.67 9.61 4.99
N ILE A 33 22.72 10.54 5.01
CA ILE A 33 21.96 10.86 3.80
C ILE A 33 22.20 12.29 3.36
N SER A 34 22.98 13.02 4.16
CA SER A 34 23.38 14.38 3.86
C SER A 34 24.47 14.78 4.84
N ASP A 35 25.11 15.92 4.63
CA ASP A 35 26.22 16.31 5.50
C ASP A 35 25.80 16.61 6.94
N ARG A 36 24.50 16.66 7.22
CA ARG A 36 24.06 16.89 8.59
C ARG A 36 22.80 16.11 8.99
N TRP A 37 22.33 15.22 8.12
CA TRP A 37 21.15 14.40 8.44
C TRP A 37 21.47 12.91 8.45
N VAL A 38 21.09 12.25 9.54
CA VAL A 38 21.32 10.82 9.70
C VAL A 38 19.98 10.07 9.79
N LEU A 39 19.92 8.90 9.15
CA LEU A 39 18.69 8.11 9.09
C LEU A 39 18.82 6.83 9.91
N THR A 40 17.79 6.51 10.69
CA THR A 40 17.79 5.29 11.47
C THR A 40 16.37 4.81 11.79
N ALA A 41 16.28 3.64 12.43
CA ALA A 41 14.99 3.10 12.88
C ALA A 41 14.48 3.84 14.11
N ALA A 42 13.17 4.02 14.18
CA ALA A 42 12.54 4.70 15.32
C ALA A 42 12.73 3.96 16.64
N HIS A 43 12.70 2.63 16.60
CA HIS A 43 12.81 1.83 17.80
C HIS A 43 14.20 1.88 18.44
N CYS A 44 15.15 2.47 17.73
CA CYS A 44 16.50 2.67 18.28
C CYS A 44 16.47 3.83 19.27
N LEU A 45 15.56 4.76 19.02
CA LEU A 45 15.44 5.96 19.83
C LEU A 45 14.29 5.86 20.82
N LEU A 46 13.21 5.19 20.41
CA LEU A 46 12.00 5.12 21.23
C LEU A 46 11.36 3.73 21.21
N TYR A 47 11.44 3.05 22.35
CA TYR A 47 10.70 1.81 22.54
C TYR A 47 10.34 1.65 24.01
N PRO A 48 9.15 2.14 24.40
CA PRO A 48 8.63 2.10 25.77
C PRO A 48 8.62 0.73 26.47
N PRO A 49 8.37 -0.40 25.75
CA PRO A 49 8.50 -1.68 26.45
C PRO A 49 9.88 -1.92 27.09
N TRP A 50 10.92 -1.30 26.54
CA TRP A 50 12.27 -1.48 27.05
C TRP A 50 12.81 -0.23 27.75
N ASP A 51 11.88 0.63 28.18
CA ASP A 51 12.22 1.89 28.86
C ASP A 51 13.13 2.79 28.03
N LYS A 52 13.15 2.56 26.71
CA LYS A 52 13.94 3.37 25.80
C LYS A 52 13.21 4.64 25.37
N ASN A 53 13.83 5.79 25.62
CA ASN A 53 13.31 7.08 25.14
C ASN A 53 14.43 8.09 25.07
N PHE A 54 15.38 7.85 24.18
CA PHE A 54 16.56 8.70 24.06
C PHE A 54 16.26 10.07 23.48
N THR A 55 16.70 11.11 24.18
CA THR A 55 16.66 12.46 23.65
C THR A 55 18.00 12.71 22.96
N GLU A 56 18.18 13.90 22.41
CA GLU A 56 19.39 14.25 21.67
C GLU A 56 20.70 14.12 22.46
N ASN A 57 20.69 14.55 23.73
CA ASN A 57 21.91 14.66 24.51
C ASN A 57 22.43 13.32 25.03
N ASP A 58 21.61 12.29 24.92
CA ASP A 58 21.99 10.95 25.37
C ASP A 58 22.93 10.28 24.38
N LEU A 59 22.92 10.77 23.15
CA LEU A 59 23.53 10.05 22.04
C LEU A 59 24.68 10.76 21.35
N LEU A 60 25.51 9.97 20.68
CA LEU A 60 26.49 10.46 19.73
C LEU A 60 26.53 9.55 18.51
N VAL A 61 27.02 10.06 17.38
CA VAL A 61 27.16 9.23 16.20
C VAL A 61 28.64 9.12 15.80
N ARG A 62 29.03 7.94 15.36
CA ARG A 62 30.38 7.74 14.85
C ARG A 62 30.32 7.43 13.35
N ILE A 63 30.97 8.26 12.54
CA ILE A 63 30.88 8.15 11.10
C ILE A 63 32.23 7.84 10.46
N GLY A 64 32.21 7.02 9.40
CA GLY A 64 33.43 6.69 8.67
C GLY A 64 34.26 5.62 9.33
N LYS A 65 33.63 4.81 10.18
CA LYS A 65 34.34 3.77 10.91
C LYS A 65 34.40 2.45 10.14
N HIS A 66 35.41 1.65 10.45
CA HIS A 66 35.54 0.31 9.91
C HIS A 66 35.61 -0.70 11.05
N SER A 67 36.54 -0.47 11.98
CA SER A 67 36.63 -1.27 13.20
C SER A 67 35.47 -1.00 14.13
N ARG A 68 34.94 -2.03 14.75
CA ARG A 68 33.86 -1.88 15.74
C ARG A 68 34.32 -1.13 16.99
N THR A 69 35.53 -1.43 17.44
CA THR A 69 35.99 -1.06 18.77
C THR A 69 37.03 0.05 18.76
N ARG A 70 37.97 0.00 17.81
CA ARG A 70 39.09 0.93 17.83
C ARG A 70 38.75 2.34 17.38
N TYR A 71 39.42 3.29 18.01
CA TYR A 71 39.39 4.67 17.61
C TYR A 71 40.25 4.86 16.38
N GLU A 72 39.60 5.28 15.29
CA GLU A 72 40.31 5.53 14.06
C GLU A 72 40.53 7.03 13.93
N ARG A 73 41.66 7.48 14.47
CA ARG A 73 41.90 8.90 14.75
C ARG A 73 41.58 9.84 13.58
N ASN A 74 42.36 9.73 12.51
CA ASN A 74 42.17 10.63 11.38
C ASN A 74 41.32 10.04 10.26
N ILE A 75 40.41 9.14 10.62
CA ILE A 75 39.49 8.56 9.65
C ILE A 75 38.04 8.87 9.99
N GLU A 76 37.65 8.52 11.22
CA GLU A 76 36.28 8.66 11.68
C GLU A 76 36.00 10.04 12.26
N LYS A 77 34.74 10.43 12.24
CA LYS A 77 34.35 11.73 12.77
C LYS A 77 33.21 11.56 13.77
N ILE A 78 33.31 12.25 14.90
CA ILE A 78 32.31 12.15 15.95
C ILE A 78 31.42 13.39 15.97
N SER A 79 30.11 13.17 15.80
CA SER A 79 29.17 14.28 15.80
C SER A 79 28.14 14.16 16.92
N MET A 80 27.71 15.32 17.40
CA MET A 80 26.64 15.38 18.39
C MET A 80 25.31 15.57 17.67
N LEU A 81 24.21 15.42 18.40
CA LEU A 81 22.89 15.53 17.79
C LEU A 81 22.21 16.81 18.20
N GLU A 82 21.62 17.49 17.22
CA GLU A 82 20.90 18.74 17.46
C GLU A 82 19.42 18.48 17.76
N LYS A 83 18.78 17.68 16.91
CA LYS A 83 17.39 17.31 17.14
C LYS A 83 17.10 15.90 16.65
N ILE A 84 16.20 15.21 17.36
CA ILE A 84 15.73 13.90 16.95
C ILE A 84 14.31 14.01 16.42
N TYR A 85 14.04 13.36 15.29
CA TYR A 85 12.70 13.37 14.72
C TYR A 85 12.19 11.96 14.47
N ILE A 86 11.14 11.59 15.19
CA ILE A 86 10.53 10.27 15.03
C ILE A 86 9.20 10.43 14.28
N HIS A 87 8.93 9.50 13.37
CA HIS A 87 7.70 9.52 12.60
C HIS A 87 6.49 9.57 13.52
N PRO A 88 5.61 10.56 13.32
CA PRO A 88 4.45 10.77 14.21
C PRO A 88 3.49 9.58 14.22
N ARG A 89 3.38 8.86 13.11
CA ARG A 89 2.50 7.71 13.04
C ARG A 89 3.25 6.39 13.20
N TYR A 90 4.41 6.47 13.83
CA TYR A 90 5.20 5.28 14.18
C TYR A 90 4.49 4.48 15.26
N ASN A 91 4.42 3.16 15.06
CA ASN A 91 3.59 2.32 15.91
C ASN A 91 4.38 1.17 16.52
N TRP A 92 4.78 1.35 17.78
CA TRP A 92 5.61 0.37 18.47
C TRP A 92 4.78 -0.66 19.22
N ARG A 93 3.51 -0.35 19.44
CA ARG A 93 2.62 -1.24 20.19
C ARG A 93 2.40 -2.58 19.50
N GLU A 94 2.33 -2.58 18.18
CA GLU A 94 1.94 -3.78 17.45
C GLU A 94 3.06 -4.39 16.61
N ASN A 95 3.58 -3.64 15.64
CA ASN A 95 4.42 -4.23 14.61
C ASN A 95 5.59 -3.38 14.13
N LEU A 96 5.89 -2.30 14.83
CA LEU A 96 6.91 -1.34 14.42
C LEU A 96 6.60 -0.76 13.03
N ASP A 97 5.33 -0.46 12.80
CA ASP A 97 4.92 0.21 11.57
C ASP A 97 5.56 1.59 11.49
N ARG A 98 6.03 1.96 10.30
CA ARG A 98 6.67 3.25 10.07
C ARG A 98 7.86 3.44 11.01
N ASP A 99 8.65 2.39 11.16
CA ASP A 99 9.83 2.39 12.02
C ASP A 99 10.96 3.20 11.40
N ILE A 100 10.90 4.52 11.56
CA ILE A 100 11.88 5.40 10.94
C ILE A 100 12.06 6.68 11.75
N ALA A 101 13.30 7.17 11.80
CA ALA A 101 13.61 8.41 12.50
C ALA A 101 14.76 9.15 11.84
N LEU A 102 14.71 10.48 11.89
CA LEU A 102 15.80 11.30 11.39
C LEU A 102 16.56 11.96 12.54
N MET A 103 17.88 12.03 12.41
CA MET A 103 18.70 12.74 13.39
C MET A 103 19.52 13.82 12.71
N LYS A 104 19.44 15.04 13.23
CA LYS A 104 20.21 16.15 12.68
C LYS A 104 21.46 16.42 13.50
N LEU A 105 22.61 16.42 12.82
CA LEU A 105 23.88 16.72 13.47
C LEU A 105 23.96 18.19 13.87
N LYS A 106 24.55 18.45 15.03
CA LYS A 106 24.73 19.82 15.51
C LYS A 106 25.58 20.62 14.52
N LYS A 107 26.61 19.97 13.99
CA LYS A 107 27.44 20.56 12.95
C LYS A 107 27.50 19.64 11.74
N PRO A 108 27.60 20.22 10.53
CA PRO A 108 27.74 19.41 9.31
C PRO A 108 29.04 18.60 9.33
N VAL A 109 28.98 17.36 8.86
CA VAL A 109 30.18 16.53 8.77
C VAL A 109 30.86 16.77 7.42
N ALA A 110 32.20 16.69 7.42
CA ALA A 110 32.95 16.88 6.20
C ALA A 110 33.14 15.53 5.50
N PHE A 111 32.86 15.49 4.20
CA PHE A 111 32.98 14.25 3.45
C PHE A 111 34.43 13.89 3.21
N SER A 112 34.68 12.60 3.05
CA SER A 112 36.02 12.09 2.81
C SER A 112 35.95 10.79 2.02
N ASP A 113 37.08 10.09 1.92
CA ASP A 113 37.11 8.79 1.28
C ASP A 113 36.26 7.78 2.06
N TYR A 114 36.05 8.06 3.33
CA TYR A 114 35.41 7.13 4.24
C TYR A 114 34.05 7.63 4.70
N ILE A 115 33.76 8.89 4.39
CA ILE A 115 32.49 9.49 4.78
C ILE A 115 31.81 10.12 3.57
N HIS A 116 30.64 9.59 3.22
CA HIS A 116 29.93 10.02 2.02
C HIS A 116 28.48 9.54 2.08
N PRO A 117 27.54 10.42 1.72
CA PRO A 117 26.12 10.11 1.88
C PRO A 117 25.56 9.12 0.87
N VAL A 118 24.50 8.43 1.26
CA VAL A 118 23.79 7.50 0.39
C VAL A 118 22.58 8.21 -0.21
N CYS A 119 22.11 7.74 -1.36
CA CYS A 119 20.97 8.36 -2.02
C CYS A 119 19.64 7.86 -1.46
N LEU A 120 18.65 8.74 -1.46
CA LEU A 120 17.28 8.34 -1.16
C LEU A 120 16.58 7.96 -2.45
N PRO A 121 15.79 6.88 -2.40
CA PRO A 121 15.14 6.41 -3.61
C PRO A 121 14.01 7.34 -4.03
N ASP A 122 13.89 7.50 -5.34
CA ASP A 122 12.75 8.11 -5.98
C ASP A 122 11.85 7.01 -6.56
N ARG A 123 10.68 7.34 -7.08
CA ARG A 123 9.76 6.30 -7.55
C ARG A 123 10.34 5.45 -8.68
N GLU A 124 10.97 6.10 -9.65
CA GLU A 124 11.64 5.38 -10.73
C GLU A 124 12.57 4.27 -10.22
N THR A 125 13.51 4.60 -9.33
CA THR A 125 14.44 3.63 -8.75
C THR A 125 13.70 2.59 -7.89
N ALA A 126 12.80 3.06 -7.03
CA ALA A 126 12.01 2.18 -6.17
C ALA A 126 11.18 1.20 -6.98
N ALA A 127 10.57 1.67 -8.07
CA ALA A 127 9.75 0.81 -8.91
C ALA A 127 10.60 -0.26 -9.59
N SER A 128 11.78 0.14 -10.07
CA SER A 128 12.66 -0.75 -10.80
C SER A 128 13.29 -1.82 -9.91
N LEU A 129 13.87 -1.40 -8.79
CA LEU A 129 14.70 -2.28 -7.97
C LEU A 129 13.94 -3.05 -6.89
N LEU A 130 12.78 -2.54 -6.47
CA LEU A 130 12.00 -3.24 -5.45
C LEU A 130 11.19 -4.37 -6.07
N GLN A 131 11.90 -5.43 -6.44
CA GLN A 131 11.27 -6.60 -7.04
C GLN A 131 11.76 -7.83 -6.30
N ALA A 132 10.89 -8.83 -6.15
CA ALA A 132 11.25 -10.03 -5.43
C ALA A 132 12.36 -10.76 -6.17
N GLY A 133 13.34 -11.26 -5.43
CA GLY A 133 14.48 -11.91 -6.03
C GLY A 133 15.65 -10.96 -6.23
N TYR A 134 15.34 -9.68 -6.40
CA TYR A 134 16.38 -8.67 -6.56
C TYR A 134 17.09 -8.51 -5.23
N LYS A 135 18.41 -8.39 -5.28
CA LYS A 135 19.19 -8.38 -4.05
C LYS A 135 19.58 -6.97 -3.61
N GLY A 136 19.55 -6.77 -2.30
CA GLY A 136 20.05 -5.54 -1.69
C GLY A 136 21.14 -5.88 -0.70
N ARG A 137 21.78 -4.86 -0.14
CA ARG A 137 22.92 -5.08 0.73
C ARG A 137 22.70 -4.53 2.15
N VAL A 138 22.98 -5.36 3.15
CA VAL A 138 22.82 -4.99 4.54
C VAL A 138 24.17 -4.94 5.24
N THR A 139 24.39 -3.88 6.02
CA THR A 139 25.66 -3.70 6.70
C THR A 139 25.45 -3.31 8.16
N GLY A 140 26.34 -3.79 9.03
CA GLY A 140 26.27 -3.44 10.44
C GLY A 140 27.36 -4.08 11.28
N TRP A 141 27.36 -3.74 12.55
CA TRP A 141 28.35 -4.25 13.50
C TRP A 141 27.69 -5.18 14.51
N GLY A 142 26.48 -5.64 14.19
CA GLY A 142 25.72 -6.50 15.08
C GLY A 142 26.31 -7.88 15.26
N ASN A 143 25.65 -8.70 16.07
CA ASN A 143 26.12 -10.04 16.38
C ASN A 143 26.19 -10.96 15.16
N LEU A 144 27.07 -11.95 15.24
CA LEU A 144 27.30 -12.87 14.13
C LEU A 144 26.38 -14.08 14.22
N LYS A 145 25.76 -14.26 15.38
CA LYS A 145 24.85 -15.37 15.63
C LYS A 145 23.67 -14.89 16.48
N GLU A 146 22.59 -15.65 16.46
CA GLU A 146 21.41 -15.33 17.24
C GLU A 146 21.65 -15.55 18.74
N GLY A 155 30.38 -14.34 18.22
CA GLY A 155 30.04 -13.22 19.08
C GLY A 155 29.85 -11.93 18.30
N GLN A 156 30.80 -11.01 18.45
CA GLN A 156 30.75 -9.73 17.74
C GLN A 156 31.93 -9.58 16.77
N PRO A 157 31.71 -8.86 15.66
CA PRO A 157 32.74 -8.69 14.63
C PRO A 157 33.74 -7.60 14.98
N SER A 158 34.97 -7.72 14.47
CA SER A 158 35.99 -6.70 14.72
C SER A 158 35.87 -5.57 13.71
N VAL A 159 35.45 -5.88 12.50
CA VAL A 159 35.24 -4.87 11.47
C VAL A 159 33.83 -4.93 10.91
N LEU A 160 33.46 -3.90 10.15
CA LEU A 160 32.11 -3.79 9.58
C LEU A 160 31.76 -4.99 8.72
N GLN A 161 30.55 -5.52 8.91
CA GLN A 161 30.11 -6.70 8.18
C GLN A 161 29.13 -6.35 7.06
N VAL A 162 29.12 -7.18 6.03
CA VAL A 162 28.26 -6.96 4.88
C VAL A 162 27.66 -8.27 4.37
N VAL A 163 26.36 -8.25 4.05
CA VAL A 163 25.72 -9.39 3.42
C VAL A 163 24.73 -8.92 2.37
N ASN A 164 24.59 -9.69 1.30
CA ASN A 164 23.62 -9.40 0.26
C ASN A 164 22.44 -10.35 0.36
N LEU A 165 21.22 -9.80 0.29
CA LEU A 165 20.03 -10.58 0.51
C LEU A 165 18.95 -10.24 -0.51
N PRO A 166 18.21 -11.25 -0.96
CA PRO A 166 17.15 -11.05 -1.96
C PRO A 166 15.84 -10.57 -1.34
N ILE A 167 15.24 -9.56 -1.95
CA ILE A 167 13.89 -9.13 -1.60
C ILE A 167 12.95 -10.31 -1.79
N VAL A 168 12.06 -10.52 -0.82
CA VAL A 168 11.17 -11.68 -0.83
C VAL A 168 9.75 -11.26 -1.22
N GLU A 169 9.05 -12.13 -1.96
CA GLU A 169 7.65 -11.90 -2.32
C GLU A 169 6.82 -11.62 -1.07
N ARG A 170 5.93 -10.64 -1.16
CA ARG A 170 5.10 -10.25 -0.01
C ARG A 170 4.29 -11.39 0.62
N PRO A 171 3.60 -12.22 -0.20
CA PRO A 171 2.82 -13.28 0.45
C PRO A 171 3.69 -14.26 1.23
N VAL A 172 4.92 -14.47 0.77
CA VAL A 172 5.87 -15.32 1.47
C VAL A 172 6.23 -14.69 2.81
N CYS A 173 6.51 -13.38 2.78
CA CYS A 173 6.79 -12.61 3.98
C CYS A 173 5.66 -12.71 5.01
N LYS A 174 4.43 -12.60 4.54
CA LYS A 174 3.27 -12.59 5.43
C LYS A 174 3.06 -13.95 6.08
N ASP A 175 3.29 -15.01 5.33
CA ASP A 175 3.06 -16.37 5.83
C ASP A 175 4.14 -16.82 6.80
N SER A 176 5.27 -16.09 6.80
CA SER A 176 6.40 -16.47 7.63
C SER A 176 6.28 -16.00 9.08
N THR A 177 5.32 -15.13 9.35
CA THR A 177 5.17 -14.57 10.69
C THR A 177 3.71 -14.27 11.06
N ARG A 178 3.45 -14.10 12.35
CA ARG A 178 2.10 -13.79 12.80
C ARG A 178 1.93 -12.28 12.93
N ILE A 179 3.05 -11.56 12.95
CA ILE A 179 3.02 -10.11 13.03
C ILE A 179 2.33 -9.55 11.80
N ARG A 180 1.44 -8.59 12.01
CA ARG A 180 0.78 -7.94 10.88
C ARG A 180 1.80 -7.07 10.17
N ILE A 181 2.09 -7.41 8.91
CA ILE A 181 3.00 -6.62 8.12
C ILE A 181 2.22 -5.61 7.28
N THR A 182 2.85 -4.46 7.04
CA THR A 182 2.21 -3.36 6.32
C THR A 182 3.06 -3.04 5.10
N ASP A 183 2.52 -2.24 4.18
CA ASP A 183 3.30 -1.89 2.99
C ASP A 183 4.30 -0.78 3.31
N ASN A 184 4.50 -0.53 4.59
CA ASN A 184 5.57 0.35 5.04
C ASN A 184 6.77 -0.51 5.39
N MET A 185 6.62 -1.82 5.13
CA MET A 185 7.67 -2.80 5.37
C MET A 185 7.90 -3.62 4.11
N PHE A 186 9.09 -4.17 3.97
CA PHE A 186 9.31 -5.29 3.08
C PHE A 186 10.23 -6.24 3.81
N CYS A 187 10.39 -7.45 3.28
CA CYS A 187 11.27 -8.41 3.94
C CYS A 187 12.22 -9.04 2.94
N ALA A 188 13.35 -9.53 3.45
CA ALA A 188 14.41 -10.01 2.60
C ALA A 188 15.16 -11.14 3.27
N GLY A 189 15.78 -11.99 2.47
CA GLY A 189 16.51 -13.12 2.98
C GLY A 189 16.29 -14.32 2.07
N TYR A 190 17.09 -15.36 2.27
CA TYR A 190 16.96 -16.55 1.44
C TYR A 190 15.90 -17.48 2.01
N LYS A 191 15.30 -18.26 1.13
CA LYS A 191 14.33 -19.27 1.53
C LYS A 191 15.11 -20.53 1.86
N PRO A 192 14.55 -21.41 2.69
CA PRO A 192 15.24 -22.64 3.12
C PRO A 192 15.86 -23.44 1.97
N ASP A 193 15.11 -23.61 0.89
CA ASP A 193 15.58 -24.41 -0.24
C ASP A 193 16.46 -23.64 -1.22
N GLU A 194 16.74 -22.37 -0.93
CA GLU A 194 17.63 -21.60 -1.78
C GLU A 194 19.10 -21.79 -1.42
N GLY A 195 19.36 -22.58 -0.36
CA GLY A 195 20.72 -22.91 0.00
C GLY A 195 21.46 -21.84 0.78
N LYS A 196 21.68 -20.68 0.15
CA LYS A 196 22.36 -19.57 0.79
C LYS A 196 21.71 -19.11 2.10
N ARG A 197 22.49 -18.41 2.92
CA ARG A 197 22.01 -17.87 4.18
C ARG A 197 22.40 -16.41 4.34
N GLY A 198 21.95 -15.80 5.43
CA GLY A 198 22.32 -14.44 5.75
C GLY A 198 21.17 -13.67 6.37
N ASP A 199 21.48 -12.82 7.34
CA ASP A 199 20.48 -12.01 8.02
C ASP A 199 21.14 -10.91 8.85
N ALA A 200 20.39 -9.86 9.14
CA ALA A 200 20.80 -8.89 10.14
C ALA A 200 20.55 -9.49 11.51
N CYS A 201 21.17 -8.92 12.54
CA CYS A 201 21.00 -9.44 13.88
C CYS A 201 21.01 -8.32 14.90
N GLU A 202 21.15 -8.67 16.17
CA GLU A 202 21.12 -7.70 17.26
C GLU A 202 22.24 -6.68 17.12
N GLY A 203 21.87 -5.41 17.02
CA GLY A 203 22.85 -4.35 16.85
C GLY A 203 22.87 -3.79 15.44
N ASP A 204 22.26 -4.51 14.50
CA ASP A 204 22.20 -4.08 13.11
C ASP A 204 21.01 -3.16 12.87
N SER A 205 20.12 -3.09 13.86
CA SER A 205 18.92 -2.27 13.78
C SER A 205 19.25 -0.82 13.43
N GLY A 206 18.46 -0.25 12.52
CA GLY A 206 18.65 1.14 12.13
C GLY A 206 19.61 1.28 10.97
N GLY A 207 20.35 0.22 10.70
CA GLY A 207 21.31 0.22 9.60
C GLY A 207 20.64 0.21 8.25
N PRO A 208 21.43 0.42 7.18
CA PRO A 208 20.87 0.58 5.84
C PRO A 208 20.76 -0.72 5.04
N PHE A 209 19.64 -0.85 4.34
CA PHE A 209 19.48 -1.84 3.28
C PHE A 209 19.63 -1.09 1.98
N VAL A 210 20.69 -1.36 1.23
CA VAL A 210 21.01 -0.56 0.05
C VAL A 210 21.03 -1.38 -1.24
N MET A 211 20.80 -0.69 -2.34
CA MET A 211 20.82 -1.30 -3.67
C MET A 211 21.53 -0.36 -4.64
N LYS A 212 22.26 -0.92 -5.59
CA LYS A 212 22.97 -0.09 -6.56
C LYS A 212 22.21 0.02 -7.87
N SER A 213 21.81 1.25 -8.21
CA SER A 213 21.06 1.49 -9.44
C SER A 213 21.95 1.26 -10.66
N PRO A 214 21.49 0.39 -11.57
CA PRO A 214 22.20 0.12 -12.82
C PRO A 214 22.07 1.28 -13.80
N PHE A 215 21.16 2.20 -13.50
CA PHE A 215 20.88 3.32 -14.39
C PHE A 215 21.89 4.46 -14.22
N ASN A 216 22.30 4.72 -12.98
CA ASN A 216 23.22 5.83 -12.72
C ASN A 216 24.41 5.47 -11.83
N ASN A 217 24.57 4.18 -11.54
CA ASN A 217 25.67 3.68 -10.71
C ASN A 217 25.70 4.23 -9.29
N ARG A 218 24.57 4.79 -8.84
CA ARG A 218 24.48 5.33 -7.49
C ARG A 218 23.87 4.32 -6.52
N TRP A 219 24.38 4.28 -5.30
CA TRP A 219 23.80 3.45 -4.25
C TRP A 219 22.60 4.14 -3.60
N TYR A 220 21.48 3.43 -3.56
CA TYR A 220 20.26 3.94 -2.95
C TYR A 220 19.93 3.13 -1.70
N GLN A 221 19.50 3.80 -0.63
CA GLN A 221 19.02 3.09 0.55
C GLN A 221 17.53 2.85 0.43
N MET A 222 17.16 1.58 0.28
CA MET A 222 15.77 1.21 0.05
C MET A 222 15.08 0.81 1.34
N GLY A 223 15.86 0.32 2.30
CA GLY A 223 15.31 -0.13 3.56
C GLY A 223 16.14 0.19 4.78
N ILE A 224 15.49 0.16 5.93
CA ILE A 224 16.14 0.30 7.22
C ILE A 224 15.96 -1.01 8.00
N VAL A 225 17.02 -1.52 8.60
CA VAL A 225 16.92 -2.74 9.40
C VAL A 225 15.99 -2.50 10.58
N SER A 226 14.85 -3.19 10.60
CA SER A 226 13.80 -2.89 11.58
C SER A 226 13.58 -4.00 12.59
N TRP A 227 13.08 -5.15 12.14
CA TRP A 227 12.82 -6.25 13.06
C TRP A 227 12.90 -7.62 12.40
N GLY A 228 12.96 -8.65 13.23
CA GLY A 228 13.05 -10.02 12.76
C GLY A 228 12.92 -10.98 13.93
N GLU A 229 12.30 -12.12 13.69
CA GLU A 229 12.20 -13.16 14.71
C GLU A 229 13.47 -14.00 14.75
N GLY A 230 14.35 -13.68 15.69
CA GLY A 230 15.64 -14.34 15.78
C GLY A 230 16.60 -13.83 14.73
N CYS A 231 17.56 -14.66 14.36
CA CYS A 231 18.55 -14.30 13.35
C CYS A 231 18.87 -15.48 12.44
N ASP A 232 18.64 -15.30 11.14
CA ASP A 232 19.01 -16.29 10.13
C ASP A 232 18.35 -17.65 10.36
N ARG A 233 17.11 -17.63 10.84
CA ARG A 233 16.35 -18.86 11.03
C ARG A 233 15.75 -19.32 9.71
N ASP A 234 15.66 -20.64 9.53
CA ASP A 234 14.98 -21.19 8.36
C ASP A 234 13.50 -20.85 8.41
N GLY A 235 13.00 -20.22 7.35
CA GLY A 235 11.59 -19.89 7.24
C GLY A 235 11.25 -18.52 7.79
N LYS A 236 12.23 -17.86 8.39
CA LYS A 236 12.06 -16.49 8.86
C LYS A 236 12.81 -15.54 7.94
N TYR A 237 12.39 -14.27 7.93
CA TYR A 237 13.04 -13.27 7.09
C TYR A 237 13.21 -11.97 7.87
N GLY A 238 14.21 -11.18 7.47
CA GLY A 238 14.42 -9.89 8.10
C GLY A 238 13.47 -8.88 7.51
N PHE A 239 12.88 -8.04 8.36
CA PHE A 239 11.96 -7.02 7.88
C PHE A 239 12.58 -5.64 7.91
N TYR A 240 12.29 -4.86 6.88
CA TYR A 240 12.97 -3.58 6.65
C TYR A 240 11.95 -2.47 6.41
N THR A 241 12.21 -1.30 6.99
CA THR A 241 11.37 -0.14 6.79
C THR A 241 11.41 0.30 5.32
N HIS A 242 10.23 0.44 4.72
CA HIS A 242 10.13 0.84 3.32
C HIS A 242 10.44 2.34 3.21
N VAL A 243 11.69 2.65 2.87
CA VAL A 243 12.16 4.03 2.90
C VAL A 243 11.40 4.93 1.94
N PHE A 244 11.27 4.51 0.70
CA PHE A 244 10.56 5.33 -0.29
C PHE A 244 9.11 5.63 0.08
N ARG A 245 8.41 4.65 0.66
CA ARG A 245 7.02 4.85 1.03
C ARG A 245 6.87 5.83 2.18
N LEU A 246 7.97 6.09 2.88
CA LEU A 246 7.99 7.09 3.94
C LEU A 246 8.83 8.31 3.55
N LYS A 247 9.23 8.37 2.29
CA LYS A 247 10.09 9.46 1.82
C LYS A 247 9.44 10.84 1.94
N LYS A 248 8.12 10.89 1.85
CA LYS A 248 7.41 12.16 1.95
C LYS A 248 7.54 12.76 3.35
N TRP A 249 7.47 11.91 4.37
CA TRP A 249 7.73 12.37 5.73
C TRP A 249 9.17 12.87 5.87
N ILE A 250 10.12 12.04 5.44
CA ILE A 250 11.53 12.40 5.41
C ILE A 250 11.76 13.78 4.80
N GLN A 251 11.23 13.96 3.61
CA GLN A 251 11.43 15.20 2.86
C GLN A 251 10.85 16.40 3.57
N LYS A 252 9.67 16.20 4.17
CA LYS A 252 8.99 17.29 4.87
C LYS A 252 9.78 17.77 6.09
N VAL A 253 10.31 16.82 6.84
CA VAL A 253 11.11 17.12 8.03
C VAL A 253 12.35 17.92 7.64
N ILE A 254 13.11 17.38 6.68
CA ILE A 254 14.33 18.01 6.20
C ILE A 254 14.11 19.43 5.66
N ASP A 255 13.00 19.65 4.98
CA ASP A 255 12.79 20.92 4.29
C ASP A 255 12.51 22.10 5.23
N GLN A 256 11.86 21.85 6.36
CA GLN A 256 11.63 22.93 7.32
C GLN A 256 12.84 23.13 8.24
N PHE A 257 13.67 22.09 8.37
CA PHE A 257 14.86 22.16 9.19
C PHE A 257 16.08 21.65 8.42
N ALA B 7 22.37 14.78 -3.99
CA ALA B 7 23.48 15.64 -4.33
C ALA B 7 24.50 14.91 -5.20
N ASP B 8 25.57 14.45 -4.58
CA ASP B 8 26.59 13.63 -5.25
C ASP B 8 26.59 12.27 -4.57
N CYS B 9 25.46 11.97 -3.94
CA CYS B 9 25.28 10.77 -3.13
C CYS B 9 25.44 9.46 -3.88
N GLY B 10 25.71 8.39 -3.14
CA GLY B 10 25.69 7.04 -3.67
C GLY B 10 26.92 6.64 -4.45
N LEU B 11 27.74 7.60 -4.80
CA LEU B 11 29.00 7.32 -5.49
C LEU B 11 30.14 7.30 -4.49
N ARG B 12 30.66 6.11 -4.22
CA ARG B 12 31.72 5.92 -3.24
C ARG B 12 33.07 6.41 -3.76
N PRO B 13 33.73 7.29 -2.99
CA PRO B 13 35.07 7.81 -3.28
C PRO B 13 36.08 6.74 -3.66
N LEU B 14 36.10 5.64 -2.91
CA LEU B 14 37.08 4.58 -3.14
C LEU B 14 36.63 3.52 -4.13
N PHE B 15 35.45 3.68 -4.73
CA PHE B 15 34.96 2.71 -5.69
C PHE B 15 34.42 3.33 -6.98
N GLU B 16 33.18 3.83 -6.94
CA GLU B 16 32.57 4.44 -8.12
C GLU B 16 33.43 5.57 -8.68
N LYS B 17 34.00 6.38 -7.79
CA LYS B 17 34.82 7.51 -8.21
C LYS B 17 36.11 7.06 -8.88
N LYS B 18 36.66 5.95 -8.43
CA LYS B 18 37.91 5.44 -8.95
C LYS B 18 37.68 4.35 -10.00
N SER B 19 36.43 4.21 -10.42
CA SER B 19 36.01 3.17 -11.36
C SER B 19 36.43 1.78 -10.85
N LEU B 20 36.19 1.54 -9.57
CA LEU B 20 36.50 0.26 -8.96
C LEU B 20 35.24 -0.38 -8.41
N GLU B 21 35.20 -1.71 -8.44
CA GLU B 21 34.05 -2.43 -7.90
C GLU B 21 34.44 -3.21 -6.65
N ASP B 22 33.52 -3.33 -5.71
CA ASP B 22 33.79 -4.09 -4.50
C ASP B 22 33.60 -5.58 -4.81
N LYS B 23 33.95 -6.43 -3.85
CA LYS B 23 34.01 -7.86 -4.08
C LYS B 23 32.66 -8.51 -4.41
N THR B 24 31.56 -7.89 -3.98
CA THR B 24 30.26 -8.55 -4.10
C THR B 24 29.14 -7.76 -4.81
N GLU B 25 29.43 -6.56 -5.28
CA GLU B 25 28.38 -5.75 -5.92
C GLU B 25 27.90 -6.41 -7.22
N ARG B 26 28.77 -7.18 -7.85
CA ARG B 26 28.39 -8.00 -9.00
C ARG B 26 27.14 -8.82 -8.74
N GLU B 27 27.12 -9.49 -7.59
CA GLU B 27 26.02 -10.35 -7.17
C GLU B 27 24.67 -9.64 -7.25
N LEU B 28 24.65 -8.37 -6.88
CA LEU B 28 23.43 -7.57 -6.92
C LEU B 28 22.95 -7.35 -8.36
N LEU B 29 23.87 -6.92 -9.22
CA LEU B 29 23.54 -6.63 -10.61
C LEU B 29 23.04 -7.87 -11.33
N GLU B 30 23.65 -9.01 -11.04
CA GLU B 30 23.23 -10.30 -11.60
C GLU B 30 21.77 -10.59 -11.25
N SER B 31 21.38 -10.26 -10.02
CA SER B 31 20.02 -10.49 -9.56
C SER B 31 19.02 -9.59 -10.26
N TYR B 32 19.49 -8.42 -10.70
CA TYR B 32 18.62 -7.45 -11.37
C TYR B 32 18.40 -7.84 -12.83
N ILE B 33 19.27 -8.71 -13.35
CA ILE B 33 19.22 -9.09 -14.76
C ILE B 33 18.66 -10.49 -14.95
N ASP B 34 19.24 -11.45 -14.25
CA ASP B 34 18.94 -12.86 -14.48
C ASP B 34 17.59 -13.24 -13.88
N ILE C 1 -27.46 6.60 -10.55
CA ILE C 1 -28.06 6.56 -9.23
C ILE C 1 -29.42 7.26 -9.23
N VAL C 2 -30.45 6.57 -8.75
CA VAL C 2 -31.78 7.15 -8.64
C VAL C 2 -32.00 7.69 -7.23
N GLU C 3 -32.53 8.90 -7.14
CA GLU C 3 -32.85 9.54 -5.86
C GLU C 3 -31.65 9.63 -4.93
N GLY C 4 -30.49 9.90 -5.52
CA GLY C 4 -29.28 10.14 -4.75
C GLY C 4 -29.02 11.64 -4.75
N SER C 5 -27.78 12.02 -4.50
CA SER C 5 -27.43 13.44 -4.44
C SER C 5 -25.99 13.65 -4.88
N ASP C 6 -25.64 14.91 -5.15
CA ASP C 6 -24.28 15.25 -5.56
C ASP C 6 -23.27 14.84 -4.50
N ALA C 7 -22.29 14.05 -4.89
CA ALA C 7 -21.20 13.68 -4.00
C ALA C 7 -20.34 14.90 -3.71
N GLU C 8 -19.76 14.95 -2.52
CA GLU C 8 -18.85 16.03 -2.18
C GLU C 8 -17.49 15.77 -2.82
N ILE C 9 -16.68 16.80 -2.96
CA ILE C 9 -15.34 16.64 -3.50
C ILE C 9 -14.52 15.68 -2.65
N GLY C 10 -13.95 14.67 -3.29
CA GLY C 10 -13.13 13.69 -2.60
C GLY C 10 -13.92 12.77 -1.69
N MET C 11 -15.23 12.79 -1.83
CA MET C 11 -16.12 11.98 -0.99
C MET C 11 -15.92 10.49 -1.27
N SER C 12 -15.59 10.16 -2.51
CA SER C 12 -15.41 8.78 -2.91
C SER C 12 -14.16 8.65 -3.79
N PRO C 13 -12.97 8.83 -3.20
CA PRO C 13 -11.72 8.90 -3.94
C PRO C 13 -11.28 7.56 -4.55
N TRP C 14 -12.04 6.51 -4.30
CA TRP C 14 -11.74 5.20 -4.88
C TRP C 14 -12.60 4.94 -6.12
N GLN C 15 -13.50 5.88 -6.41
CA GLN C 15 -14.38 5.77 -7.56
C GLN C 15 -13.57 5.67 -8.86
N VAL C 16 -13.91 4.68 -9.68
CA VAL C 16 -13.26 4.52 -10.98
C VAL C 16 -14.30 4.45 -12.09
N MET C 17 -14.00 5.09 -13.21
CA MET C 17 -14.83 5.01 -14.40
C MET C 17 -14.25 4.02 -15.39
N LEU C 18 -15.07 3.09 -15.88
CA LEU C 18 -14.64 2.18 -16.94
C LEU C 18 -15.11 2.70 -18.29
N PHE C 19 -14.16 2.91 -19.20
CA PHE C 19 -14.45 3.49 -20.51
C PHE C 19 -14.10 2.55 -21.65
N ARG C 20 -14.89 2.62 -22.72
CA ARG C 20 -14.47 2.05 -23.99
C ARG C 20 -13.61 3.08 -24.73
N LYS C 21 -12.50 2.63 -25.31
CA LYS C 21 -11.66 3.51 -26.11
C LYS C 21 -12.43 4.02 -27.33
N SER C 22 -12.79 3.08 -28.22
CA SER C 22 -13.46 3.43 -29.46
C SER C 22 -14.62 2.48 -29.77
N PRO C 23 -15.83 3.03 -29.89
CA PRO C 23 -16.14 4.45 -29.68
C PRO C 23 -16.17 4.84 -28.21
N GLN C 24 -15.82 6.09 -27.94
CA GLN C 24 -15.61 6.58 -26.59
C GLN C 24 -16.89 6.72 -25.77
N GLU C 25 -17.14 5.74 -24.90
CA GLU C 25 -18.30 5.81 -24.01
C GLU C 25 -17.98 5.27 -22.62
N LEU C 26 -18.81 5.65 -21.65
CA LEU C 26 -18.69 5.15 -20.28
C LEU C 26 -19.46 3.86 -20.11
N LEU C 27 -18.79 2.81 -19.63
CA LEU C 27 -19.39 1.48 -19.59
C LEU C 27 -19.91 1.10 -18.22
N CYS C 28 -19.09 1.33 -17.20
CA CYS C 28 -19.38 0.82 -15.87
C CYS C 28 -18.64 1.62 -14.82
N GLY C 29 -19.03 1.44 -13.57
CA GLY C 29 -18.28 1.99 -12.46
C GLY C 29 -17.28 0.95 -11.97
N ALA C 30 -16.36 1.38 -11.12
CA ALA C 30 -15.36 0.48 -10.56
C ALA C 30 -14.73 1.12 -9.33
N SER C 31 -13.81 0.40 -8.68
CA SER C 31 -13.21 0.91 -7.46
C SER C 31 -11.73 0.62 -7.37
N LEU C 32 -10.98 1.57 -6.82
CA LEU C 32 -9.55 1.41 -6.60
C LEU C 32 -9.32 0.73 -5.25
N ILE C 33 -8.64 -0.41 -5.26
CA ILE C 33 -8.40 -1.15 -4.02
C ILE C 33 -6.91 -1.23 -3.70
N SER C 34 -6.11 -0.70 -4.61
CA SER C 34 -4.67 -0.58 -4.44
C SER C 34 -4.16 0.31 -5.56
N ASP C 35 -2.88 0.67 -5.52
CA ASP C 35 -2.33 1.58 -6.51
C ASP C 35 -2.29 1.00 -7.93
N ARG C 36 -2.62 -0.28 -8.10
CA ARG C 36 -2.66 -0.86 -9.43
C ARG C 36 -3.79 -1.87 -9.66
N TRP C 37 -4.65 -2.05 -8.66
CA TRP C 37 -5.74 -3.00 -8.82
C TRP C 37 -7.11 -2.32 -8.72
N VAL C 38 -7.95 -2.58 -9.73
CA VAL C 38 -9.28 -2.01 -9.78
C VAL C 38 -10.32 -3.12 -9.72
N LEU C 39 -11.41 -2.87 -8.99
CA LEU C 39 -12.45 -3.87 -8.79
C LEU C 39 -13.74 -3.48 -9.50
N THR C 40 -14.35 -4.43 -10.21
CA THR C 40 -15.61 -4.17 -10.90
C THR C 40 -16.42 -5.45 -11.10
N ALA C 41 -17.62 -5.30 -11.65
CA ALA C 41 -18.48 -6.43 -11.96
C ALA C 41 -17.98 -7.14 -13.22
N ALA C 42 -18.08 -8.47 -13.22
CA ALA C 42 -17.66 -9.28 -14.35
C ALA C 42 -18.49 -8.97 -15.61
N HIS C 43 -19.78 -8.70 -15.45
CA HIS C 43 -20.65 -8.47 -16.60
C HIS C 43 -20.34 -7.15 -17.31
N CYS C 44 -19.48 -6.34 -16.70
CA CYS C 44 -19.04 -5.10 -17.34
C CYS C 44 -18.02 -5.43 -18.41
N LEU C 45 -17.31 -6.54 -18.20
CA LEU C 45 -16.24 -6.97 -19.09
C LEU C 45 -16.69 -8.10 -20.01
N LEU C 46 -17.55 -8.97 -19.48
CA LEU C 46 -17.98 -10.15 -20.22
C LEU C 46 -19.45 -10.45 -20.03
N TYR C 47 -20.23 -10.25 -21.09
CA TYR C 47 -21.62 -10.65 -21.10
C TYR C 47 -22.02 -11.04 -22.52
N PRO C 48 -21.88 -12.33 -22.86
CA PRO C 48 -22.18 -12.90 -24.18
C PRO C 48 -23.58 -12.60 -24.73
N PRO C 49 -24.64 -12.53 -23.89
CA PRO C 49 -25.93 -12.13 -24.47
C PRO C 49 -25.90 -10.77 -25.19
N TRP C 50 -24.99 -9.89 -24.80
CA TRP C 50 -24.92 -8.56 -25.39
C TRP C 50 -23.67 -8.38 -26.25
N ASP C 51 -23.09 -9.50 -26.68
CA ASP C 51 -21.87 -9.50 -27.51
C ASP C 51 -20.71 -8.77 -26.81
N LYS C 52 -20.80 -8.65 -25.50
CA LYS C 52 -19.76 -8.01 -24.71
C LYS C 52 -18.64 -8.98 -24.34
N ASN C 53 -17.42 -8.67 -24.76
CA ASN C 53 -16.24 -9.44 -24.39
C ASN C 53 -14.99 -8.57 -24.54
N PHE C 54 -14.88 -7.56 -23.70
CA PHE C 54 -13.79 -6.59 -23.76
C PHE C 54 -12.46 -7.20 -23.33
N THR C 55 -11.43 -7.02 -24.17
CA THR C 55 -10.07 -7.33 -23.77
C THR C 55 -9.44 -6.07 -23.17
N GLU C 56 -8.23 -6.21 -22.65
CA GLU C 56 -7.54 -5.12 -21.96
C GLU C 56 -7.42 -3.86 -22.82
N ASN C 57 -7.11 -4.06 -24.10
CA ASN C 57 -6.78 -2.93 -24.96
C ASN C 57 -8.01 -2.14 -25.41
N ASP C 58 -9.20 -2.68 -25.16
CA ASP C 58 -10.43 -1.99 -25.53
C ASP C 58 -10.75 -0.88 -24.55
N LEU C 59 -10.17 -0.96 -23.35
CA LEU C 59 -10.61 -0.12 -22.24
C LEU C 59 -9.52 0.79 -21.69
N LEU C 60 -9.94 1.88 -21.06
CA LEU C 60 -9.08 2.63 -20.15
C LEU C 60 -9.94 3.06 -18.96
N VAL C 61 -9.31 3.38 -17.84
CA VAL C 61 -10.05 3.84 -16.68
C VAL C 61 -9.69 5.27 -16.30
N ARG C 62 -10.69 6.02 -15.82
CA ARG C 62 -10.47 7.37 -15.33
C ARG C 62 -10.68 7.42 -13.81
N ILE C 63 -9.66 7.86 -13.09
CA ILE C 63 -9.68 7.85 -11.64
C ILE C 63 -9.60 9.27 -11.07
N GLY C 64 -10.29 9.50 -9.97
CA GLY C 64 -10.27 10.80 -9.31
C GLY C 64 -11.18 11.83 -9.94
N LYS C 65 -12.20 11.37 -10.68
CA LYS C 65 -13.10 12.29 -11.35
C LYS C 65 -14.28 12.68 -10.46
N HIS C 66 -14.85 13.84 -10.72
CA HIS C 66 -16.06 14.27 -10.03
C HIS C 66 -17.15 14.58 -11.03
N SER C 67 -16.86 15.48 -11.96
CA SER C 67 -17.77 15.75 -13.07
C SER C 67 -17.75 14.59 -14.07
N ARG C 68 -18.94 14.20 -14.54
CA ARG C 68 -19.04 13.19 -15.59
C ARG C 68 -18.44 13.69 -16.90
N THR C 69 -18.58 14.99 -17.14
CA THR C 69 -18.36 15.52 -18.48
C THR C 69 -17.07 16.33 -18.65
N ARG C 70 -16.80 17.22 -17.70
CA ARG C 70 -15.69 18.16 -17.83
C ARG C 70 -14.35 17.55 -17.41
N TYR C 71 -13.27 17.99 -18.07
CA TYR C 71 -11.92 17.53 -17.71
C TYR C 71 -11.40 18.24 -16.44
N GLU C 72 -10.99 17.43 -15.46
CA GLU C 72 -10.45 17.91 -14.19
C GLU C 72 -8.92 17.86 -14.21
N ARG C 73 -8.32 19.01 -14.48
CA ARG C 73 -6.93 19.18 -14.91
C ARG C 73 -5.94 18.32 -14.13
N ASN C 74 -5.49 18.79 -12.97
CA ASN C 74 -4.53 18.04 -12.17
C ASN C 74 -5.22 17.24 -11.09
N ILE C 75 -6.44 16.81 -11.39
CA ILE C 75 -7.22 16.00 -10.47
C ILE C 75 -7.42 14.58 -10.99
N GLU C 76 -7.96 14.44 -12.19
CA GLU C 76 -8.27 13.11 -12.71
C GLU C 76 -7.09 12.46 -13.42
N LYS C 77 -7.07 11.13 -13.42
CA LYS C 77 -5.99 10.36 -14.03
C LYS C 77 -6.48 9.27 -14.98
N ILE C 78 -5.82 9.12 -16.11
CA ILE C 78 -6.17 8.11 -17.09
C ILE C 78 -5.20 6.95 -16.97
N SER C 79 -5.72 5.76 -16.70
CA SER C 79 -4.86 4.58 -16.58
C SER C 79 -5.23 3.54 -17.62
N MET C 80 -4.23 2.81 -18.10
CA MET C 80 -4.46 1.71 -19.05
C MET C 80 -4.52 0.39 -18.30
N LEU C 81 -4.95 -0.65 -18.98
CA LEU C 81 -5.12 -1.96 -18.36
C LEU C 81 -4.05 -2.94 -18.84
N GLU C 82 -3.44 -3.64 -17.89
CA GLU C 82 -2.42 -4.63 -18.23
C GLU C 82 -3.03 -6.00 -18.42
N LYS C 83 -3.86 -6.43 -17.46
CA LYS C 83 -4.56 -7.69 -17.57
C LYS C 83 -5.94 -7.62 -16.92
N ILE C 84 -6.89 -8.35 -17.50
CA ILE C 84 -8.23 -8.46 -16.95
C ILE C 84 -8.41 -9.85 -16.33
N TYR C 85 -8.98 -9.90 -15.14
CA TYR C 85 -9.23 -11.17 -14.47
C TYR C 85 -10.69 -11.32 -14.08
N ILE C 86 -11.35 -12.29 -14.68
CA ILE C 86 -12.75 -12.57 -14.37
C ILE C 86 -12.84 -13.86 -13.57
N HIS C 87 -13.71 -13.87 -12.56
CA HIS C 87 -13.91 -15.04 -11.72
C HIS C 87 -14.24 -16.27 -12.57
N PRO C 88 -13.48 -17.35 -12.41
CA PRO C 88 -13.64 -18.55 -13.23
C PRO C 88 -15.01 -19.21 -13.08
N ARG C 89 -15.62 -19.07 -11.90
CA ARG C 89 -16.93 -19.67 -11.63
C ARG C 89 -18.03 -18.62 -11.78
N TYR C 90 -17.75 -17.55 -12.52
CA TYR C 90 -18.74 -16.51 -12.81
C TYR C 90 -19.80 -17.08 -13.74
N ASN C 91 -21.07 -16.82 -13.42
CA ASN C 91 -22.17 -17.46 -14.12
C ASN C 91 -23.15 -16.44 -14.68
N TRP C 92 -23.02 -16.16 -15.97
CA TRP C 92 -23.82 -15.13 -16.63
C TRP C 92 -25.08 -15.73 -17.24
N ARG C 93 -25.08 -17.04 -17.43
CA ARG C 93 -26.19 -17.74 -18.05
C ARG C 93 -27.48 -17.62 -17.25
N GLU C 94 -27.36 -17.63 -15.93
CA GLU C 94 -28.54 -17.70 -15.07
C GLU C 94 -28.81 -16.43 -14.27
N ASN C 95 -27.87 -16.06 -13.39
CA ASN C 95 -28.16 -15.07 -12.37
C ASN C 95 -27.03 -14.12 -12.02
N LEU C 96 -25.97 -14.12 -12.83
CA LEU C 96 -24.78 -13.32 -12.56
C LEU C 96 -24.18 -13.71 -11.21
N ASP C 97 -24.16 -15.01 -10.92
CA ASP C 97 -23.49 -15.50 -9.73
C ASP C 97 -22.00 -15.22 -9.82
N ARG C 98 -21.42 -14.79 -8.70
CA ARG C 98 -19.99 -14.46 -8.63
C ARG C 98 -19.62 -13.39 -9.65
N ASP C 99 -20.47 -12.37 -9.75
CA ASP C 99 -20.27 -11.27 -10.68
C ASP C 99 -19.17 -10.34 -10.20
N ILE C 100 -17.92 -10.71 -10.47
CA ILE C 100 -16.78 -9.95 -10.00
C ILE C 100 -15.57 -10.09 -10.93
N ALA C 101 -14.82 -9.01 -11.10
CA ALA C 101 -13.63 -9.03 -11.92
C ALA C 101 -12.58 -8.06 -11.40
N LEU C 102 -11.31 -8.43 -11.57
CA LEU C 102 -10.20 -7.54 -11.22
C LEU C 102 -9.51 -7.04 -12.49
N MET C 103 -9.10 -5.78 -12.46
CA MET C 103 -8.33 -5.21 -13.56
C MET C 103 -7.00 -4.65 -13.04
N LYS C 104 -5.90 -5.05 -13.67
CA LYS C 104 -4.59 -4.54 -13.27
C LYS C 104 -4.12 -3.42 -14.18
N LEU C 105 -3.80 -2.28 -13.57
CA LEU C 105 -3.27 -1.13 -14.30
C LEU C 105 -1.88 -1.40 -14.83
N LYS C 106 -1.59 -0.91 -16.03
CA LYS C 106 -0.27 -1.05 -16.63
C LYS C 106 0.80 -0.38 -15.76
N LYS C 107 0.46 0.80 -15.24
CA LYS C 107 1.34 1.49 -14.29
C LYS C 107 0.58 1.82 -13.02
N PRO C 108 1.28 1.82 -11.88
CA PRO C 108 0.66 2.21 -10.61
C PRO C 108 0.18 3.66 -10.64
N VAL C 109 -0.99 3.92 -10.07
CA VAL C 109 -1.49 5.29 -9.99
C VAL C 109 -0.98 5.94 -8.70
N ALA C 110 -0.75 7.25 -8.77
CA ALA C 110 -0.28 7.98 -7.60
C ALA C 110 -1.45 8.52 -6.81
N PHE C 111 -1.43 8.31 -5.49
CA PHE C 111 -2.53 8.73 -4.64
C PHE C 111 -2.52 10.24 -4.45
N SER C 112 -3.70 10.79 -4.19
CA SER C 112 -3.87 12.22 -3.99
C SER C 112 -5.07 12.48 -3.09
N ASP C 113 -5.48 13.75 -3.00
CA ASP C 113 -6.70 14.10 -2.27
C ASP C 113 -7.93 13.47 -2.92
N TYR C 114 -7.81 13.17 -4.21
CA TYR C 114 -8.96 12.74 -5.00
C TYR C 114 -8.84 11.29 -5.43
N ILE C 115 -7.66 10.70 -5.21
CA ILE C 115 -7.40 9.32 -5.58
C ILE C 115 -6.83 8.56 -4.39
N HIS C 116 -7.58 7.57 -3.92
CA HIS C 116 -7.21 6.84 -2.71
C HIS C 116 -8.01 5.55 -2.64
N PRO C 117 -7.35 4.44 -2.28
CA PRO C 117 -8.01 3.13 -2.32
C PRO C 117 -9.02 2.89 -1.20
N VAL C 118 -9.96 2.00 -1.45
CA VAL C 118 -10.94 1.58 -0.46
C VAL C 118 -10.46 0.26 0.15
N CYS C 119 -10.90 -0.04 1.37
CA CYS C 119 -10.51 -1.28 2.03
C CYS C 119 -11.34 -2.48 1.59
N LEU C 120 -10.72 -3.65 1.58
CA LEU C 120 -11.44 -4.89 1.39
C LEU C 120 -11.85 -5.40 2.77
N PRO C 121 -13.07 -5.93 2.88
CA PRO C 121 -13.55 -6.34 4.21
C PRO C 121 -12.84 -7.58 4.74
N ASP C 122 -12.62 -7.61 6.05
CA ASP C 122 -12.21 -8.83 6.72
C ASP C 122 -13.44 -9.45 7.37
N ARG C 123 -13.29 -10.63 7.97
CA ARG C 123 -14.43 -11.33 8.54
C ARG C 123 -15.15 -10.53 9.62
N GLU C 124 -14.39 -10.01 10.59
CA GLU C 124 -14.94 -9.16 11.66
C GLU C 124 -15.78 -8.02 11.12
N THR C 125 -15.25 -7.27 10.15
CA THR C 125 -15.99 -6.16 9.57
C THR C 125 -17.23 -6.67 8.86
N ALA C 126 -17.06 -7.72 8.06
CA ALA C 126 -18.17 -8.33 7.33
C ALA C 126 -19.23 -8.86 8.28
N ALA C 127 -18.79 -9.47 9.37
CA ALA C 127 -19.72 -10.02 10.35
C ALA C 127 -20.50 -8.92 11.06
N SER C 128 -19.81 -7.85 11.42
CA SER C 128 -20.41 -6.73 12.14
C SER C 128 -21.39 -5.91 11.29
N LEU C 129 -20.96 -5.51 10.11
CA LEU C 129 -21.73 -4.55 9.32
C LEU C 129 -22.76 -5.16 8.37
N LEU C 130 -22.58 -6.41 7.98
CA LEU C 130 -23.53 -7.05 7.08
C LEU C 130 -24.73 -7.55 7.87
N GLN C 131 -25.57 -6.60 8.27
CA GLN C 131 -26.79 -6.91 9.00
C GLN C 131 -27.94 -6.18 8.34
N ALA C 132 -29.12 -6.81 8.34
CA ALA C 132 -30.28 -6.20 7.71
C ALA C 132 -30.66 -4.92 8.44
N GLY C 133 -30.99 -3.88 7.68
CA GLY C 133 -31.29 -2.59 8.24
C GLY C 133 -30.09 -1.67 8.23
N TYR C 134 -28.89 -2.27 8.30
CA TYR C 134 -27.66 -1.48 8.27
C TYR C 134 -27.45 -0.91 6.89
N LYS C 135 -27.03 0.35 6.82
CA LYS C 135 -26.93 1.05 5.54
C LYS C 135 -25.52 1.08 4.98
N GLY C 136 -25.44 0.93 3.66
CA GLY C 136 -24.19 1.09 2.94
C GLY C 136 -24.37 2.20 1.92
N ARG C 137 -23.28 2.55 1.23
CA ARG C 137 -23.31 3.66 0.30
C ARG C 137 -22.98 3.25 -1.14
N VAL C 138 -23.81 3.68 -2.07
CA VAL C 138 -23.63 3.38 -3.48
C VAL C 138 -23.34 4.65 -4.27
N THR C 139 -22.35 4.58 -5.15
CA THR C 139 -21.94 5.75 -5.93
C THR C 139 -21.77 5.40 -7.41
N GLY C 140 -22.12 6.34 -8.28
CA GLY C 140 -21.93 6.13 -9.71
C GLY C 140 -22.36 7.30 -10.58
N TRP C 141 -22.15 7.14 -11.88
CA TRP C 141 -22.48 8.18 -12.86
C TRP C 141 -23.62 7.72 -13.77
N GLY C 142 -24.31 6.67 -13.33
CA GLY C 142 -25.41 6.11 -14.10
C GLY C 142 -26.63 7.02 -14.18
N ASN C 143 -27.67 6.55 -14.85
CA ASN C 143 -28.89 7.33 -15.06
C ASN C 143 -29.60 7.69 -13.76
N LEU C 144 -30.36 8.77 -13.80
CA LEU C 144 -31.06 9.27 -12.62
C LEU C 144 -32.46 8.66 -12.54
N LYS C 145 -32.90 8.07 -13.64
CA LYS C 145 -34.19 7.41 -13.73
C LYS C 145 -34.08 6.15 -14.57
N GLU C 146 -35.04 5.24 -14.40
CA GLU C 146 -35.09 4.03 -15.20
C GLU C 146 -35.51 4.39 -16.62
N THR C 147 -34.76 3.92 -17.61
CA THR C 147 -35.09 4.19 -19.01
C THR C 147 -35.54 2.92 -19.70
N TRP C 148 -36.03 3.06 -20.94
CA TRP C 148 -36.54 1.92 -21.68
C TRP C 148 -35.43 0.96 -22.10
N THR C 149 -34.19 1.43 -22.03
CA THR C 149 -33.05 0.62 -22.42
C THR C 149 -32.49 -0.19 -21.25
N ALA C 150 -33.20 -0.14 -20.11
CA ALA C 150 -32.76 -0.86 -18.91
C ALA C 150 -32.84 -2.37 -19.10
N ASN C 151 -31.83 -3.07 -18.56
CA ASN C 151 -31.72 -4.52 -18.69
C ASN C 151 -31.68 -4.95 -20.16
N VAL C 152 -30.96 -4.18 -20.97
CA VAL C 152 -30.87 -4.40 -22.40
C VAL C 152 -29.62 -3.70 -22.95
N GLY C 153 -28.92 -4.36 -23.87
CA GLY C 153 -27.67 -3.87 -24.40
C GLY C 153 -27.75 -2.50 -25.07
N GLY C 155 -32.14 12.52 -16.72
CA GLY C 155 -31.26 11.82 -17.63
C GLY C 155 -29.99 11.34 -16.94
N GLN C 156 -28.88 12.00 -17.26
CA GLN C 156 -27.59 11.65 -16.66
C GLN C 156 -27.05 12.79 -15.83
N PRO C 157 -26.30 12.47 -14.76
CA PRO C 157 -25.81 13.50 -13.82
C PRO C 157 -24.57 14.21 -14.32
N SER C 158 -24.38 15.45 -13.90
CA SER C 158 -23.21 16.21 -14.28
C SER C 158 -22.03 15.89 -13.37
N VAL C 159 -22.33 15.60 -12.11
CA VAL C 159 -21.31 15.19 -11.16
C VAL C 159 -21.65 13.85 -10.52
N LEU C 160 -20.67 13.27 -9.82
CA LEU C 160 -20.83 11.96 -9.20
C LEU C 160 -21.98 11.92 -8.20
N GLN C 161 -22.80 10.87 -8.28
CA GLN C 161 -23.96 10.74 -7.43
C GLN C 161 -23.73 9.74 -6.30
N VAL C 162 -24.43 9.94 -5.19
CA VAL C 162 -24.29 9.12 -4.01
C VAL C 162 -25.64 8.85 -3.35
N VAL C 163 -25.88 7.61 -2.95
CA VAL C 163 -27.07 7.29 -2.19
C VAL C 163 -26.76 6.24 -1.12
N ASN C 164 -27.44 6.33 0.02
CA ASN C 164 -27.28 5.37 1.09
C ASN C 164 -28.49 4.44 1.14
N LEU C 165 -28.24 3.14 1.26
CA LEU C 165 -29.31 2.15 1.18
C LEU C 165 -29.14 1.09 2.24
N PRO C 166 -30.26 0.63 2.84
CA PRO C 166 -30.22 -0.39 3.88
C PRO C 166 -30.11 -1.80 3.32
N ILE C 167 -29.20 -2.60 3.87
CA ILE C 167 -29.14 -4.02 3.57
C ILE C 167 -30.48 -4.64 3.92
N VAL C 168 -30.99 -5.49 3.03
CA VAL C 168 -32.32 -6.06 3.21
C VAL C 168 -32.23 -7.52 3.67
N GLU C 169 -33.17 -7.93 4.52
CA GLU C 169 -33.27 -9.32 4.97
C GLU C 169 -33.28 -10.27 3.79
N ARG C 170 -32.54 -11.37 3.91
CA ARG C 170 -32.38 -12.34 2.84
C ARG C 170 -33.70 -12.88 2.27
N PRO C 171 -34.65 -13.30 3.14
CA PRO C 171 -35.91 -13.82 2.57
C PRO C 171 -36.72 -12.80 1.81
N VAL C 172 -36.63 -11.53 2.22
CA VAL C 172 -37.32 -10.44 1.52
C VAL C 172 -36.75 -10.28 0.12
N CYS C 173 -35.42 -10.32 0.03
CA CYS C 173 -34.72 -10.27 -1.25
C CYS C 173 -35.19 -11.38 -2.18
N LYS C 174 -35.31 -12.59 -1.63
CA LYS C 174 -35.66 -13.77 -2.42
C LYS C 174 -37.09 -13.69 -2.94
N ASP C 175 -37.99 -13.16 -2.12
CA ASP C 175 -39.40 -13.07 -2.47
C ASP C 175 -39.67 -11.94 -3.47
N SER C 176 -38.72 -11.02 -3.58
CA SER C 176 -38.89 -9.86 -4.44
C SER C 176 -38.60 -10.18 -5.89
N THR C 177 -38.00 -11.35 -6.15
CA THR C 177 -37.61 -11.70 -7.51
C THR C 177 -37.73 -13.19 -7.79
N ARG C 178 -37.78 -13.53 -9.07
CA ARG C 178 -37.89 -14.91 -9.50
C ARG C 178 -36.51 -15.49 -9.81
N ILE C 179 -35.54 -14.60 -9.97
CA ILE C 179 -34.15 -15.00 -10.19
C ILE C 179 -33.66 -15.74 -8.96
N ARG C 180 -32.95 -16.84 -9.17
CA ARG C 180 -32.34 -17.55 -8.04
C ARG C 180 -31.19 -16.73 -7.50
N ILE C 181 -31.31 -16.28 -6.26
CA ILE C 181 -30.25 -15.53 -5.61
C ILE C 181 -29.36 -16.48 -4.82
N THR C 182 -28.08 -16.15 -4.73
CA THR C 182 -27.10 -16.99 -4.06
C THR C 182 -26.46 -16.20 -2.93
N ASP C 183 -25.72 -16.89 -2.07
CA ASP C 183 -25.07 -16.22 -0.95
C ASP C 183 -23.78 -15.53 -1.40
N ASN C 184 -23.61 -15.41 -2.71
CA ASN C 184 -22.55 -14.60 -3.28
C ASN C 184 -23.14 -13.25 -3.64
N MET C 185 -24.41 -13.07 -3.27
CA MET C 185 -25.14 -11.84 -3.52
C MET C 185 -25.78 -11.37 -2.22
N PHE C 186 -25.99 -10.07 -2.11
CA PHE C 186 -26.94 -9.55 -1.14
C PHE C 186 -27.70 -8.45 -1.83
N CYS C 187 -28.79 -7.97 -1.22
CA CYS C 187 -29.55 -6.91 -1.83
C CYS C 187 -29.83 -5.81 -0.83
N ALA C 188 -30.09 -4.61 -1.35
CA ALA C 188 -30.22 -3.43 -0.52
C ALA C 188 -31.19 -2.46 -1.18
N GLY C 189 -31.81 -1.62 -0.36
CA GLY C 189 -32.78 -0.66 -0.84
C GLY C 189 -33.91 -0.56 0.15
N TYR C 190 -34.73 0.47 0.00
CA TYR C 190 -35.85 0.66 0.91
C TYR C 190 -37.06 -0.17 0.49
N LYS C 191 -37.88 -0.53 1.47
CA LYS C 191 -39.11 -1.24 1.22
C LYS C 191 -40.21 -0.21 0.95
N PRO C 192 -41.29 -0.61 0.24
CA PRO C 192 -42.36 0.31 -0.14
C PRO C 192 -42.88 1.18 1.03
N ASP C 193 -43.13 0.57 2.18
CA ASP C 193 -43.68 1.30 3.32
C ASP C 193 -42.61 2.02 4.16
N GLU C 194 -41.35 1.95 3.76
CA GLU C 194 -40.29 2.66 4.47
C GLU C 194 -40.17 4.12 4.04
N GLY C 195 -40.98 4.52 3.05
CA GLY C 195 -41.02 5.91 2.63
C GLY C 195 -39.89 6.34 1.73
N LYS C 196 -38.67 6.30 2.25
CA LYS C 196 -37.48 6.66 1.49
C LYS C 196 -37.32 5.85 0.20
N ARG C 197 -36.54 6.39 -0.73
CA ARG C 197 -36.27 5.71 -2.01
C ARG C 197 -34.78 5.72 -2.31
N GLY C 198 -34.42 5.07 -3.42
CA GLY C 198 -33.04 5.08 -3.88
C GLY C 198 -32.62 3.76 -4.48
N ASP C 199 -31.80 3.83 -5.52
CA ASP C 199 -31.29 2.65 -6.20
C ASP C 199 -30.15 3.00 -7.15
N ALA C 200 -29.35 2.01 -7.49
CA ALA C 200 -28.40 2.15 -8.60
C ALA C 200 -29.17 1.99 -9.90
N CYS C 201 -28.57 2.42 -11.00
CA CYS C 201 -29.24 2.32 -12.30
C CYS C 201 -28.25 2.02 -13.41
N GLU C 202 -28.69 2.18 -14.66
CA GLU C 202 -27.87 1.87 -15.82
C GLU C 202 -26.60 2.72 -15.85
N GLY C 203 -25.45 2.05 -15.83
CA GLY C 203 -24.18 2.75 -15.81
C GLY C 203 -23.49 2.71 -14.47
N ASP C 204 -24.25 2.34 -13.44
CA ASP C 204 -23.71 2.24 -12.08
C ASP C 204 -23.10 0.86 -11.83
N SER C 205 -23.33 -0.05 -12.77
CA SER C 205 -22.81 -1.41 -12.68
C SER C 205 -21.31 -1.44 -12.42
N GLY C 206 -20.89 -2.31 -11.51
CA GLY C 206 -19.47 -2.47 -11.23
C GLY C 206 -18.99 -1.53 -10.16
N GLY C 207 -19.80 -0.52 -9.85
CA GLY C 207 -19.44 0.45 -8.84
C GLY C 207 -19.46 -0.13 -7.44
N PRO C 208 -18.95 0.62 -6.46
CA PRO C 208 -18.78 0.10 -5.10
C PRO C 208 -19.97 0.34 -4.18
N PHE C 209 -20.32 -0.68 -3.41
CA PHE C 209 -21.21 -0.55 -2.27
C PHE C 209 -20.32 -0.54 -1.04
N VAL C 210 -20.26 0.60 -0.35
CA VAL C 210 -19.30 0.74 0.75
C VAL C 210 -19.96 1.04 2.10
N MET C 211 -19.26 0.70 3.17
CA MET C 211 -19.73 0.93 4.53
C MET C 211 -18.57 1.44 5.39
N LYS C 212 -18.86 2.34 6.32
CA LYS C 212 -17.79 2.87 7.17
C LYS C 212 -17.75 2.19 8.53
N SER C 213 -16.64 1.52 8.81
CA SER C 213 -16.45 0.81 10.06
C SER C 213 -16.34 1.77 11.23
N PRO C 214 -17.19 1.57 12.26
CA PRO C 214 -17.14 2.37 13.48
C PRO C 214 -15.94 1.99 14.34
N PHE C 215 -15.30 0.87 14.02
CA PHE C 215 -14.18 0.37 14.81
C PHE C 215 -12.85 1.04 14.46
N ASN C 216 -12.64 1.33 13.18
CA ASN C 216 -11.38 1.93 12.75
C ASN C 216 -11.55 3.12 11.81
N ASN C 217 -12.79 3.57 11.65
CA ASN C 217 -13.12 4.73 10.81
C ASN C 217 -12.73 4.57 9.34
N ARG C 218 -12.51 3.32 8.92
CA ARG C 218 -12.15 3.05 7.54
C ARG C 218 -13.36 2.68 6.69
N TRP C 219 -13.37 3.13 5.44
CA TRP C 219 -14.41 2.72 4.51
C TRP C 219 -14.07 1.38 3.87
N TYR C 220 -15.01 0.45 3.97
CA TYR C 220 -14.86 -0.88 3.40
C TYR C 220 -15.83 -1.08 2.24
N GLN C 221 -15.38 -1.71 1.17
CA GLN C 221 -16.29 -2.05 0.08
C GLN C 221 -16.87 -3.44 0.31
N MET C 222 -18.17 -3.47 0.60
CA MET C 222 -18.84 -4.73 0.94
C MET C 222 -19.49 -5.35 -0.28
N GLY C 223 -19.88 -4.51 -1.23
CA GLY C 223 -20.56 -4.99 -2.42
C GLY C 223 -20.19 -4.31 -3.72
N ILE C 224 -20.49 -5.00 -4.81
CA ILE C 224 -20.35 -4.46 -6.16
C ILE C 224 -21.73 -4.35 -6.79
N VAL C 225 -22.02 -3.23 -7.45
CA VAL C 225 -23.29 -3.07 -8.14
C VAL C 225 -23.40 -4.10 -9.26
N SER C 226 -24.33 -5.05 -9.13
CA SER C 226 -24.38 -6.19 -10.02
C SER C 226 -25.60 -6.20 -10.93
N TRP C 227 -26.79 -6.37 -10.36
CA TRP C 227 -28.00 -6.39 -11.17
C TRP C 227 -29.24 -5.94 -10.41
N GLY C 228 -30.29 -5.68 -11.16
CA GLY C 228 -31.55 -5.22 -10.61
C GLY C 228 -32.60 -5.18 -11.70
N GLU C 229 -33.83 -5.48 -11.34
CA GLU C 229 -34.96 -5.37 -12.28
C GLU C 229 -35.45 -3.94 -12.33
N GLY C 230 -35.03 -3.20 -13.35
CA GLY C 230 -35.37 -1.79 -13.46
C GLY C 230 -34.56 -0.94 -12.51
N CYS C 231 -35.10 0.22 -12.14
CA CYS C 231 -34.43 1.13 -11.21
C CYS C 231 -35.42 1.76 -10.24
N ASP C 232 -35.18 1.54 -8.95
CA ASP C 232 -35.95 2.15 -7.87
C ASP C 232 -37.44 1.81 -7.95
N ARG C 233 -37.74 0.58 -8.36
CA ARG C 233 -39.12 0.12 -8.39
C ARG C 233 -39.58 -0.30 -7.00
N ASP C 234 -40.85 -0.06 -6.71
CA ASP C 234 -41.44 -0.52 -5.46
C ASP C 234 -41.47 -2.04 -5.43
N GLY C 235 -40.89 -2.62 -4.40
CA GLY C 235 -40.90 -4.06 -4.21
C GLY C 235 -39.72 -4.75 -4.87
N LYS C 236 -38.92 -3.98 -5.60
CA LYS C 236 -37.69 -4.49 -6.17
C LYS C 236 -36.50 -3.94 -5.40
N TYR C 237 -35.38 -4.65 -5.44
CA TYR C 237 -34.19 -4.22 -4.73
C TYR C 237 -32.96 -4.41 -5.60
N GLY C 238 -31.93 -3.61 -5.34
CA GLY C 238 -30.69 -3.75 -6.09
C GLY C 238 -29.88 -4.90 -5.50
N PHE C 239 -29.29 -5.70 -6.38
CA PHE C 239 -28.49 -6.83 -5.92
C PHE C 239 -27.00 -6.56 -6.11
N TYR C 240 -26.22 -7.00 -5.13
CA TYR C 240 -24.81 -6.64 -5.06
C TYR C 240 -23.93 -7.87 -4.86
N THR C 241 -22.81 -7.91 -5.55
CA THR C 241 -21.84 -8.99 -5.39
C THR C 241 -21.27 -8.98 -3.98
N HIS C 242 -21.35 -10.12 -3.30
CA HIS C 242 -20.85 -10.23 -1.94
C HIS C 242 -19.32 -10.31 -1.95
N VAL C 243 -18.67 -9.16 -1.71
CA VAL C 243 -17.23 -9.06 -1.87
C VAL C 243 -16.44 -9.97 -0.93
N PHE C 244 -16.77 -9.93 0.36
CA PHE C 244 -16.06 -10.76 1.34
C PHE C 244 -16.13 -12.26 1.03
N ARG C 245 -17.28 -12.73 0.56
CA ARG C 245 -17.42 -14.15 0.26
C ARG C 245 -16.62 -14.57 -0.97
N LEU C 246 -16.17 -13.59 -1.76
CA LEU C 246 -15.30 -13.86 -2.90
C LEU C 246 -13.89 -13.33 -2.67
N LYS C 247 -13.61 -12.88 -1.46
CA LYS C 247 -12.31 -12.28 -1.12
C LYS C 247 -11.16 -13.26 -1.31
N LYS C 248 -11.44 -14.54 -1.15
CA LYS C 248 -10.41 -15.58 -1.30
C LYS C 248 -9.91 -15.62 -2.74
N TRP C 249 -10.83 -15.51 -3.70
CA TRP C 249 -10.44 -15.41 -5.10
C TRP C 249 -9.63 -14.15 -5.39
N ILE C 250 -10.15 -13.01 -4.96
CA ILE C 250 -9.46 -11.72 -5.08
C ILE C 250 -7.99 -11.79 -4.66
N GLN C 251 -7.76 -12.29 -3.44
CA GLN C 251 -6.42 -12.36 -2.87
C GLN C 251 -5.53 -13.30 -3.69
N LYS C 252 -6.12 -14.39 -4.17
CA LYS C 252 -5.39 -15.38 -4.96
C LYS C 252 -4.87 -14.77 -6.25
N VAL C 253 -5.71 -14.00 -6.92
CA VAL C 253 -5.34 -13.32 -8.16
C VAL C 253 -4.24 -12.32 -7.87
N ILE C 254 -4.51 -11.46 -6.91
CA ILE C 254 -3.59 -10.40 -6.51
C ILE C 254 -2.20 -10.88 -6.06
N ASP C 255 -2.15 -11.99 -5.33
CA ASP C 255 -0.89 -12.45 -4.75
C ASP C 255 0.07 -13.00 -5.80
N GLN C 256 -0.47 -13.46 -6.92
CA GLN C 256 0.35 -13.98 -8.00
C GLN C 256 0.95 -12.86 -8.84
N PHE C 257 0.34 -11.67 -8.79
CA PHE C 257 0.84 -10.54 -9.58
C PHE C 257 1.00 -9.23 -8.80
N GLY C 258 1.27 -9.33 -7.51
CA GLY C 258 1.67 -8.19 -6.69
C GLY C 258 0.71 -7.02 -6.53
N GLU C 259 0.27 -6.76 -5.30
CA GLU C 259 -0.65 -5.66 -5.03
C GLU C 259 0.11 -4.35 -4.79
N GLY D 3 1.70 3.11 0.72
CA GLY D 3 1.75 3.65 -0.62
C GLY D 3 1.29 2.66 -1.67
N SER D 4 1.10 1.41 -1.26
CA SER D 4 0.60 0.38 -2.16
C SER D 4 -0.93 0.26 -2.04
N GLY D 5 -1.46 0.62 -0.87
CA GLY D 5 -2.89 0.65 -0.69
C GLY D 5 -3.43 0.36 0.70
N GLU D 6 -3.33 -0.90 1.11
CA GLU D 6 -4.06 -1.40 2.29
C GLU D 6 -3.66 -0.78 3.62
N ALA D 7 -2.46 -0.19 3.68
CA ALA D 7 -1.98 0.39 4.93
C ALA D 7 -2.82 1.58 5.36
N ASP D 8 -3.15 2.46 4.42
CA ASP D 8 -3.99 3.62 4.70
C ASP D 8 -5.31 3.63 3.95
N CYS D 9 -5.77 2.45 3.51
CA CYS D 9 -6.99 2.38 2.71
C CYS D 9 -8.19 2.86 3.53
N GLY D 10 -9.23 3.31 2.83
CA GLY D 10 -10.51 3.60 3.47
C GLY D 10 -10.54 4.93 4.22
N LEU D 11 -9.38 5.51 4.45
CA LEU D 11 -9.31 6.82 5.09
C LEU D 11 -9.15 7.92 4.04
N ARG D 12 -10.22 8.68 3.84
CA ARG D 12 -10.23 9.72 2.82
C ARG D 12 -9.42 10.93 3.24
N PRO D 13 -8.47 11.34 2.38
CA PRO D 13 -7.62 12.52 2.54
C PRO D 13 -8.38 13.79 2.93
N LEU D 14 -9.50 14.05 2.27
CA LEU D 14 -10.26 15.27 2.51
C LEU D 14 -11.30 15.14 3.62
N PHE D 15 -11.35 13.98 4.27
CA PHE D 15 -12.33 13.78 5.33
C PHE D 15 -11.73 13.16 6.60
N GLU D 16 -11.56 11.84 6.59
CA GLU D 16 -10.99 11.14 7.75
C GLU D 16 -9.64 11.71 8.18
N LYS D 17 -8.80 12.04 7.20
CA LYS D 17 -7.46 12.58 7.48
C LYS D 17 -7.54 13.96 8.12
N LYS D 18 -8.54 14.74 7.72
CA LYS D 18 -8.67 16.11 8.21
C LYS D 18 -9.68 16.19 9.34
N SER D 19 -10.10 15.02 9.84
CA SER D 19 -11.13 14.92 10.88
C SER D 19 -12.40 15.64 10.46
N LEU D 20 -12.82 15.43 9.21
CA LEU D 20 -14.05 16.00 8.69
C LEU D 20 -15.01 14.91 8.26
N GLU D 21 -16.31 15.17 8.38
CA GLU D 21 -17.31 14.21 7.97
C GLU D 21 -18.10 14.71 6.77
N ASP D 22 -18.52 13.79 5.90
CA ASP D 22 -19.32 14.19 4.75
C ASP D 22 -20.75 14.40 5.19
N LYS D 23 -21.59 14.90 4.28
CA LYS D 23 -22.93 15.33 4.64
C LYS D 23 -23.83 14.20 5.12
N THR D 24 -23.55 12.97 4.72
CA THR D 24 -24.47 11.87 4.99
C THR D 24 -23.89 10.65 5.70
N GLU D 25 -22.61 10.65 6.04
CA GLU D 25 -22.02 9.45 6.66
C GLU D 25 -22.64 9.18 8.02
N ARG D 26 -23.10 10.24 8.68
CA ARG D 26 -23.87 10.12 9.91
C ARG D 26 -25.01 9.11 9.77
N GLU D 27 -25.76 9.23 8.69
CA GLU D 27 -26.91 8.35 8.42
C GLU D 27 -26.54 6.88 8.50
N LEU D 28 -25.34 6.53 8.03
CA LEU D 28 -24.86 5.16 8.07
C LEU D 28 -24.63 4.70 9.50
N LEU D 29 -23.92 5.50 10.28
CA LEU D 29 -23.61 5.16 11.66
C LEU D 29 -24.87 5.00 12.50
N GLU D 30 -25.84 5.87 12.27
CA GLU D 30 -27.14 5.79 12.94
C GLU D 30 -27.80 4.44 12.70
N SER D 31 -27.69 3.93 11.48
CA SER D 31 -28.30 2.66 11.12
C SER D 31 -27.60 1.51 11.82
N TYR D 32 -26.31 1.70 12.13
CA TYR D 32 -25.52 0.65 12.78
C TYR D 32 -25.81 0.60 14.28
N ILE D 33 -26.38 1.67 14.82
CA ILE D 33 -26.61 1.78 16.26
C ILE D 33 -28.08 1.57 16.63
N ASP D 34 -28.94 2.32 15.97
CA ASP D 34 -30.35 2.40 16.35
C ASP D 34 -31.12 1.16 15.93
N ALA E 51 -31.25 -12.50 -16.44
CA ALA E 51 -30.09 -12.73 -15.59
C ALA E 51 -30.03 -11.85 -14.32
N LYS E 52 -30.13 -10.51 -14.39
CA LYS E 52 -30.28 -9.66 -15.58
C LYS E 52 -29.68 -8.28 -15.31
N PRO E 53 -28.47 -8.03 -15.80
CA PRO E 53 -27.79 -6.76 -15.48
C PRO E 53 -28.50 -5.54 -16.05
N ARG E 54 -28.51 -4.44 -15.31
CA ARG E 54 -29.14 -3.20 -15.76
C ARG E 54 -28.49 -2.69 -17.04
N LEU E 55 -27.28 -2.83 -17.24
#